data_4AI4
#
_entry.id   4AI4
#
_cell.length_a   107.060
_cell.length_b   63.340
_cell.length_c   38.230
_cell.angle_alpha   90.00
_cell.angle_beta   109.26
_cell.angle_gamma   90.00
#
_symmetry.space_group_name_H-M   'C 1 2 1'
#
loop_
_entity.id
_entity.type
_entity.pdbx_description
1 polymer 'DNA-3-METHYLADENINE GLYCOSYLASE I'
2 non-polymer 'ZINC ION'
3 non-polymer 'SULFATE ION'
4 water water
#
_entity_poly.entity_id   1
_entity_poly.type   'polypeptide(L)'
_entity_poly.pdbx_seq_one_letter_code
;GAMNECAFGTKDPVYLNYHDHVWGQPLYDSKALFKLLALQSQHAGLSWLTILKKKEAYEEAFYDFEPEKVAQMTAQDIDR
LMTFPNIVHHRKKLEAIVNQAQGYLKIEQAYGSFSKFLWSYVNGKPKDLQYEHASDRITVDDTATQLSKDLKQYGFKFLG
PVTVFSFLEAAGLYDAHLKDCPSKPKHN
;
_entity_poly.pdbx_strand_id   A
#
loop_
_chem_comp.id
_chem_comp.type
_chem_comp.name
_chem_comp.formula
SO4 non-polymer 'SULFATE ION' 'O4 S -2'
ZN non-polymer 'ZINC ION' 'Zn 2'
#
# COMPACT_ATOMS: atom_id res chain seq x y z
N MET A 3 16.02 -10.95 -12.45
CA MET A 3 15.67 -9.75 -11.61
C MET A 3 15.06 -8.67 -12.48
N ASN A 4 15.71 -8.36 -13.61
CA ASN A 4 15.25 -7.26 -14.49
C ASN A 4 13.83 -7.49 -14.99
N GLU A 5 13.54 -8.70 -15.42
CA GLU A 5 12.19 -9.01 -15.89
C GLU A 5 11.17 -8.85 -14.78
N CYS A 6 11.52 -9.35 -13.58
CA CYS A 6 10.64 -9.27 -12.44
C CYS A 6 10.34 -7.81 -12.06
N ALA A 7 11.38 -6.98 -12.10
CA ALA A 7 11.26 -5.56 -11.76
C ALA A 7 10.68 -4.68 -12.89
N PHE A 8 9.94 -5.28 -13.83
CA PHE A 8 9.22 -4.52 -14.89
C PHE A 8 10.12 -3.73 -15.84
N GLY A 9 11.35 -4.20 -16.08
CA GLY A 9 12.26 -3.52 -16.98
C GLY A 9 12.78 -2.15 -16.49
N THR A 10 12.39 -1.72 -15.29
CA THR A 10 12.89 -0.47 -14.71
C THR A 10 14.36 -0.58 -14.38
N LYS A 11 15.12 0.47 -14.71
CA LYS A 11 16.53 0.54 -14.41
C LYS A 11 16.79 1.57 -13.30
N ASP A 12 15.82 2.42 -12.97
CA ASP A 12 16.04 3.39 -11.89
C ASP A 12 16.32 2.64 -10.57
N PRO A 13 17.49 2.88 -9.96
CA PRO A 13 17.90 2.16 -8.77
C PRO A 13 17.06 2.41 -7.54
N VAL A 14 16.39 3.55 -7.45
CA VAL A 14 15.46 3.80 -6.34
C VAL A 14 14.24 2.85 -6.47
N TYR A 15 13.74 2.70 -7.69
CA TYR A 15 12.66 1.75 -7.93
C TYR A 15 13.17 0.32 -7.69
N LEU A 16 14.35 -0.02 -8.23
CA LEU A 16 14.91 -1.36 -7.98
C LEU A 16 15.09 -1.66 -6.48
N ASN A 17 15.52 -0.67 -5.71
CA ASN A 17 15.67 -0.85 -4.28
C ASN A 17 14.33 -1.30 -3.67
N TYR A 18 13.27 -0.61 -4.05
CA TYR A 18 11.91 -0.96 -3.62
C TYR A 18 11.54 -2.39 -4.07
N HIS A 19 11.85 -2.75 -5.31
CA HIS A 19 11.60 -4.11 -5.75
C HIS A 19 12.37 -5.12 -4.93
N ASP A 20 13.60 -4.78 -4.60
CA ASP A 20 14.55 -5.72 -4.02
C ASP A 20 14.33 -5.89 -2.51
N HIS A 21 13.83 -4.84 -1.83
CA HIS A 21 13.83 -4.81 -0.33
C HIS A 21 12.53 -4.52 0.32
N VAL A 22 11.46 -4.35 -0.47
CA VAL A 22 10.14 -4.07 0.09
C VAL A 22 9.09 -4.88 -0.62
N TRP A 23 8.98 -4.67 -1.94
CA TRP A 23 7.88 -5.23 -2.72
C TRP A 23 7.79 -6.74 -2.56
N GLY A 24 6.66 -7.23 -2.10
CA GLY A 24 6.43 -8.66 -2.01
C GLY A 24 7.02 -9.36 -0.81
N GLN A 25 7.72 -8.62 0.07
CA GLN A 25 8.23 -9.23 1.31
C GLN A 25 7.12 -9.16 2.33
N PRO A 26 6.71 -10.33 2.89
CA PRO A 26 5.59 -10.38 3.83
C PRO A 26 5.70 -9.36 4.98
N LEU A 27 4.72 -8.47 5.06
CA LEU A 27 4.69 -7.38 6.04
C LEU A 27 3.57 -7.64 7.02
N TYR A 28 3.93 -7.91 8.28
CA TYR A 28 2.97 -8.32 9.30
C TYR A 28 2.64 -7.23 10.35
N ASP A 29 3.39 -6.12 10.32
CA ASP A 29 3.21 -5.03 11.26
C ASP A 29 2.04 -4.15 10.82
N SER A 30 1.09 -3.92 11.72
CA SER A 30 -0.12 -3.16 11.39
C SER A 30 0.16 -1.75 10.89
N LYS A 31 1.03 -1.03 11.61
CA LYS A 31 1.31 0.36 11.28
C LYS A 31 2.06 0.48 9.97
N ALA A 32 2.99 -0.45 9.70
CA ALA A 32 3.73 -0.46 8.42
C ALA A 32 2.80 -0.78 7.25
N LEU A 33 1.84 -1.67 7.49
CA LEU A 33 0.82 -2.00 6.49
C LEU A 33 -0.05 -0.77 6.19
N PHE A 34 -0.45 -0.07 7.24
CA PHE A 34 -1.23 1.18 7.04
C PHE A 34 -0.46 2.20 6.18
N LYS A 35 0.82 2.39 6.49
CA LYS A 35 1.66 3.34 5.78
C LYS A 35 1.77 2.99 4.31
N LEU A 36 2.05 1.72 4.03
CA LEU A 36 2.17 1.29 2.65
C LEU A 36 0.85 1.43 1.87
N LEU A 37 -0.26 1.06 2.50
CA LEU A 37 -1.56 1.21 1.88
C LEU A 37 -1.85 2.68 1.58
N ALA A 38 -1.58 3.55 2.56
CA ALA A 38 -1.78 4.98 2.40
C ALA A 38 -0.94 5.54 1.25
N LEU A 39 0.35 5.19 1.22
CA LEU A 39 1.21 5.62 0.10
C LEU A 39 0.68 5.08 -1.23
N GLN A 40 0.27 3.82 -1.28
CA GLN A 40 -0.34 3.26 -2.51
C GLN A 40 -1.54 4.05 -3.01
N SER A 41 -2.37 4.54 -2.10
CA SER A 41 -3.54 5.34 -2.48
C SER A 41 -3.17 6.65 -3.20
N GLN A 42 -1.93 7.09 -3.04
CA GLN A 42 -1.50 8.38 -3.63
C GLN A 42 -1.00 8.25 -5.08
N HIS A 43 -0.90 7.01 -5.58
CA HIS A 43 -0.20 6.65 -6.82
C HIS A 43 -0.93 7.05 -8.07
N ALA A 44 -2.26 7.05 -8.03
CA ALA A 44 -3.08 7.19 -9.24
C ALA A 44 -2.68 8.36 -10.13
N GLY A 45 -2.40 8.07 -11.40
CA GLY A 45 -2.02 9.11 -12.35
C GLY A 45 -0.57 9.59 -12.31
N LEU A 46 0.27 8.93 -11.52
CA LEU A 46 1.65 9.33 -11.33
C LEU A 46 2.53 8.06 -11.36
N SER A 47 3.85 8.20 -11.55
CA SER A 47 4.77 7.08 -11.37
C SER A 47 5.00 6.74 -9.88
N TRP A 48 5.13 5.45 -9.58
CA TRP A 48 5.37 5.03 -8.22
C TRP A 48 6.64 5.62 -7.70
N LEU A 49 7.66 5.73 -8.55
CA LEU A 49 8.89 6.41 -8.15
C LEU A 49 8.63 7.84 -7.65
N THR A 50 7.64 8.52 -8.24
CA THR A 50 7.19 9.85 -7.77
C THR A 50 6.81 9.83 -6.30
N ILE A 51 5.96 8.87 -5.91
CA ILE A 51 5.54 8.73 -4.49
C ILE A 51 6.71 8.26 -3.62
N LEU A 52 7.57 7.37 -4.12
CA LEU A 52 8.74 6.88 -3.35
C LEU A 52 9.73 7.95 -3.00
N LYS A 53 10.03 8.81 -3.98
CA LYS A 53 10.97 9.89 -3.74
C LYS A 53 10.39 10.87 -2.74
N LYS A 54 9.06 10.88 -2.63
CA LYS A 54 8.35 11.78 -1.72
C LYS A 54 8.00 11.18 -0.36
N LYS A 55 8.37 9.91 -0.12
CA LYS A 55 7.98 9.23 1.11
C LYS A 55 8.31 10.01 2.40
N GLU A 56 9.55 10.49 2.54
CA GLU A 56 9.91 11.24 3.75
C GLU A 56 9.09 12.51 3.93
N ALA A 57 8.75 13.20 2.83
CA ALA A 57 7.88 14.37 2.89
C ALA A 57 6.47 13.98 3.37
N TYR A 58 5.95 12.86 2.87
CA TYR A 58 4.65 12.36 3.35
C TYR A 58 4.70 12.01 4.84
N GLU A 59 5.80 11.38 5.29
CA GLU A 59 5.99 11.09 6.71
C GLU A 59 5.87 12.37 7.54
N GLU A 60 6.51 13.43 7.06
CA GLU A 60 6.47 14.72 7.74
C GLU A 60 5.07 15.35 7.69
N ALA A 61 4.35 15.14 6.60
CA ALA A 61 2.98 15.71 6.44
C ALA A 61 1.96 15.00 7.33
N PHE A 62 2.21 13.71 7.59
CA PHE A 62 1.22 12.81 8.20
C PHE A 62 1.67 12.06 9.45
N TYR A 63 2.40 12.74 10.34
CA TYR A 63 2.75 12.18 11.65
C TYR A 63 3.43 10.78 11.56
N ASP A 64 4.31 10.61 10.58
CA ASP A 64 4.98 9.30 10.37
C ASP A 64 3.97 8.18 10.17
N PHE A 65 2.81 8.52 9.58
CA PHE A 65 1.68 7.59 9.37
C PHE A 65 1.19 6.86 10.62
N GLU A 66 1.28 7.51 11.77
CA GLU A 66 0.76 6.94 13.02
C GLU A 66 -0.78 7.14 13.01
N PRO A 67 -1.55 6.04 12.93
CA PRO A 67 -2.99 6.23 12.69
C PRO A 67 -3.76 7.03 13.75
N GLU A 68 -3.44 6.85 15.03
CA GLU A 68 -4.13 7.59 16.07
C GLU A 68 -3.94 9.09 15.86
N LYS A 69 -2.76 9.49 15.40
CA LYS A 69 -2.47 10.89 15.15
C LYS A 69 -3.06 11.39 13.82
N VAL A 70 -2.89 10.63 12.75
CA VAL A 70 -3.46 11.01 11.45
C VAL A 70 -4.99 11.13 11.49
N ALA A 71 -5.64 10.25 12.25
CA ALA A 71 -7.11 10.15 12.31
C ALA A 71 -7.77 11.40 12.86
N GLN A 72 -7.03 12.14 13.68
CA GLN A 72 -7.51 13.38 14.31
C GLN A 72 -7.36 14.61 13.42
N MET A 73 -6.70 14.48 12.28
CA MET A 73 -6.48 15.61 11.38
C MET A 73 -7.81 16.12 10.80
N THR A 74 -7.88 17.42 10.55
CA THR A 74 -9.11 18.04 10.07
C THR A 74 -8.88 18.78 8.76
N ALA A 75 -9.92 19.42 8.23
CA ALA A 75 -9.79 20.25 7.02
C ALA A 75 -8.72 21.34 7.17
N GLN A 76 -8.54 21.87 8.36
CA GLN A 76 -7.51 22.85 8.65
C GLN A 76 -6.09 22.32 8.39
N ASP A 77 -5.84 21.08 8.80
CA ASP A 77 -4.59 20.41 8.40
C ASP A 77 -4.44 20.27 6.91
N ILE A 78 -5.50 19.85 6.23
CA ILE A 78 -5.41 19.60 4.78
C ILE A 78 -5.15 20.93 4.08
N ASP A 79 -5.80 21.97 4.57
CA ASP A 79 -5.55 23.34 4.05
C ASP A 79 -4.07 23.69 4.09
N ARG A 80 -3.40 23.40 5.21
CA ARG A 80 -1.96 23.66 5.35
C ARG A 80 -1.16 22.74 4.42
N LEU A 81 -1.55 21.47 4.37
CA LEU A 81 -0.81 20.49 3.57
C LEU A 81 -0.90 20.74 2.06
N MET A 82 -1.90 21.50 1.62
CA MET A 82 -2.00 21.86 0.21
C MET A 82 -0.87 22.76 -0.29
N THR A 83 -0.07 23.32 0.62
CA THR A 83 1.18 23.99 0.21
C THR A 83 2.41 23.46 0.95
N PHE A 84 2.30 22.25 1.52
CA PHE A 84 3.43 21.61 2.17
C PHE A 84 4.38 21.06 1.10
N PRO A 85 5.68 21.37 1.22
CA PRO A 85 6.59 21.04 0.14
C PRO A 85 6.78 19.54 -0.10
N ASN A 86 6.83 19.18 -1.38
CA ASN A 86 7.24 17.85 -1.85
C ASN A 86 6.24 16.74 -1.58
N ILE A 87 4.99 17.07 -1.28
CA ILE A 87 3.92 16.07 -1.34
C ILE A 87 3.05 16.45 -2.52
N VAL A 88 2.23 15.52 -3.01
CA VAL A 88 1.33 15.84 -4.13
C VAL A 88 0.10 16.59 -3.60
N HIS A 89 -0.15 17.76 -4.17
CA HIS A 89 -1.20 18.64 -3.64
C HIS A 89 -2.52 18.40 -4.32
N HIS A 90 -3.06 17.23 -4.01
CA HIS A 90 -4.31 16.78 -4.56
C HIS A 90 -5.21 16.63 -3.37
N ARG A 91 -6.22 17.50 -3.27
CA ARG A 91 -6.91 17.62 -1.99
C ARG A 91 -7.59 16.31 -1.57
N LYS A 92 -8.33 15.68 -2.49
CA LYS A 92 -9.00 14.42 -2.18
C LYS A 92 -8.05 13.29 -1.84
N LYS A 93 -6.87 13.24 -2.45
CA LYS A 93 -5.87 12.24 -2.07
C LYS A 93 -5.40 12.44 -0.62
N LEU A 94 -5.18 13.70 -0.24
CA LEU A 94 -4.70 13.99 1.11
C LEU A 94 -5.75 13.70 2.18
N GLU A 95 -6.99 14.11 1.89
CA GLU A 95 -8.14 13.82 2.75
C GLU A 95 -8.31 12.32 2.94
N ALA A 96 -8.02 11.56 1.87
CA ALA A 96 -8.18 10.11 1.88
C ALA A 96 -7.31 9.44 2.95
N ILE A 97 -6.10 9.93 3.14
CA ILE A 97 -5.17 9.39 4.12
C ILE A 97 -5.78 9.54 5.51
N VAL A 98 -6.40 10.68 5.79
CA VAL A 98 -7.07 10.89 7.09
C VAL A 98 -8.23 9.91 7.25
N ASN A 99 -9.05 9.76 6.22
CA ASN A 99 -10.19 8.81 6.25
C ASN A 99 -9.74 7.37 6.44
N GLN A 100 -8.62 7.02 5.80
CA GLN A 100 -8.02 5.70 6.01
C GLN A 100 -7.59 5.46 7.46
N ALA A 101 -6.91 6.43 8.06
CA ALA A 101 -6.48 6.33 9.47
C ALA A 101 -7.69 6.14 10.38
N GLN A 102 -8.77 6.88 10.10
CA GLN A 102 -10.04 6.71 10.85
C GLN A 102 -10.61 5.32 10.68
N GLY A 103 -10.52 4.77 9.48
CA GLY A 103 -11.00 3.42 9.19
C GLY A 103 -10.16 2.38 9.90
N TYR A 104 -8.84 2.58 9.92
CA TYR A 104 -7.92 1.71 10.66
C TYR A 104 -8.34 1.63 12.12
N LEU A 105 -8.62 2.78 12.74
CA LEU A 105 -9.00 2.77 14.16
C LEU A 105 -10.32 2.01 14.34
N LYS A 106 -11.26 2.19 13.41
CA LYS A 106 -12.55 1.51 13.47
C LYS A 106 -12.38 0.01 13.36
N ILE A 107 -11.51 -0.44 12.45
CA ILE A 107 -11.15 -1.87 12.31
C ILE A 107 -10.56 -2.44 13.60
N GLU A 108 -9.60 -1.71 14.19
CA GLU A 108 -8.99 -2.18 15.40
C GLU A 108 -9.98 -2.25 16.56
N GLN A 109 -10.94 -1.33 16.61
CA GLN A 109 -12.02 -1.41 17.60
C GLN A 109 -12.95 -2.58 17.35
N ALA A 110 -13.28 -2.83 16.08
CA ALA A 110 -14.30 -3.81 15.73
C ALA A 110 -13.75 -5.21 15.69
N TYR A 111 -12.45 -5.33 15.41
CA TYR A 111 -11.86 -6.61 15.08
C TYR A 111 -10.65 -6.97 15.90
N GLY A 112 -9.77 -6.01 16.14
CA GLY A 112 -8.63 -6.18 17.04
C GLY A 112 -7.35 -5.56 16.48
N SER A 113 -6.84 -6.16 15.40
CA SER A 113 -5.57 -5.82 14.76
C SER A 113 -5.74 -5.57 13.27
N PHE A 114 -5.23 -4.46 12.77
CA PHE A 114 -5.33 -4.17 11.36
C PHE A 114 -4.58 -5.22 10.53
N SER A 115 -3.42 -5.63 11.00
CA SER A 115 -2.66 -6.68 10.33
C SER A 115 -3.47 -7.98 10.24
N LYS A 116 -4.04 -8.41 11.34
CA LYS A 116 -4.82 -9.66 11.34
C LYS A 116 -6.01 -9.57 10.40
N PHE A 117 -6.66 -8.40 10.40
CA PHE A 117 -7.76 -8.09 9.45
C PHE A 117 -7.33 -8.33 8.00
N LEU A 118 -6.25 -7.70 7.60
CA LEU A 118 -5.77 -7.82 6.22
C LEU A 118 -5.33 -9.25 5.85
N TRP A 119 -4.52 -9.85 6.71
CA TRP A 119 -3.95 -11.16 6.46
C TRP A 119 -5.01 -12.23 6.44
N SER A 120 -6.16 -11.95 7.08
CA SER A 120 -7.29 -12.88 7.04
C SER A 120 -7.73 -13.19 5.60
N TYR A 121 -7.56 -12.21 4.71
CA TYR A 121 -7.95 -12.38 3.31
C TYR A 121 -7.12 -13.43 2.54
N VAL A 122 -5.94 -13.79 3.06
CA VAL A 122 -5.11 -14.85 2.48
C VAL A 122 -4.84 -15.95 3.52
N ASN A 123 -5.75 -16.06 4.48
CA ASN A 123 -5.69 -17.07 5.52
C ASN A 123 -4.39 -17.07 6.32
N GLY A 124 -3.84 -15.88 6.54
CA GLY A 124 -2.70 -15.72 7.42
C GLY A 124 -1.33 -16.01 6.83
N LYS A 125 -1.27 -16.33 5.54
CA LYS A 125 0.04 -16.52 4.91
C LYS A 125 0.02 -16.14 3.45
N PRO A 126 1.20 -15.84 2.90
CA PRO A 126 1.22 -15.31 1.53
C PRO A 126 0.61 -16.26 0.50
N LYS A 127 -0.09 -15.68 -0.46
CA LYS A 127 -0.49 -16.39 -1.68
C LYS A 127 0.61 -16.24 -2.71
N ASP A 128 1.34 -17.34 -2.97
CA ASP A 128 2.40 -17.34 -3.95
C ASP A 128 1.74 -17.53 -5.30
N LEU A 129 1.81 -16.49 -6.14
CA LEU A 129 1.15 -16.51 -7.44
C LEU A 129 1.91 -17.39 -8.45
N GLN A 130 3.12 -17.82 -8.09
CA GLN A 130 3.91 -18.76 -8.89
C GLN A 130 4.16 -18.30 -10.34
N TYR A 131 4.40 -17.01 -10.52
CA TYR A 131 4.70 -16.48 -11.84
C TYR A 131 6.10 -16.89 -12.32
N GLU A 132 6.23 -17.13 -13.62
CA GLU A 132 7.53 -17.35 -14.26
C GLU A 132 7.90 -16.28 -15.30
N HIS A 133 6.89 -15.61 -15.84
CA HIS A 133 7.04 -14.56 -16.82
C HIS A 133 6.32 -13.31 -16.35
N ALA A 134 6.89 -12.12 -16.63
CA ALA A 134 6.24 -10.87 -16.22
C ALA A 134 4.88 -10.70 -16.91
N SER A 135 4.74 -11.26 -18.10
CA SER A 135 3.45 -11.25 -18.82
C SER A 135 2.35 -12.13 -18.19
N ASP A 136 2.71 -12.99 -17.24
CA ASP A 136 1.75 -13.82 -16.48
C ASP A 136 0.92 -12.96 -15.49
N ARG A 137 1.44 -11.79 -15.13
CA ARG A 137 0.89 -10.96 -14.06
C ARG A 137 -0.45 -10.28 -14.37
N ILE A 138 -1.41 -10.50 -13.50
CA ILE A 138 -2.70 -9.84 -13.57
C ILE A 138 -2.64 -8.55 -12.75
N THR A 139 -3.65 -7.69 -12.88
CA THR A 139 -3.64 -6.43 -12.15
C THR A 139 -4.80 -6.30 -11.19
N VAL A 140 -5.69 -7.29 -11.17
CA VAL A 140 -6.83 -7.29 -10.24
C VAL A 140 -7.39 -8.69 -10.15
N ASP A 141 -8.12 -8.96 -9.06
CA ASP A 141 -8.80 -10.23 -8.87
C ASP A 141 -9.99 -10.05 -7.93
N ASP A 142 -10.66 -11.15 -7.63
CA ASP A 142 -11.90 -11.12 -6.87
C ASP A 142 -11.62 -10.73 -5.40
N THR A 143 -10.55 -11.30 -4.83
CA THR A 143 -10.21 -11.02 -3.44
C THR A 143 -9.89 -9.54 -3.24
N ALA A 144 -9.10 -8.95 -4.15
CA ALA A 144 -8.74 -7.54 -4.03
C ALA A 144 -10.01 -6.68 -4.15
N THR A 145 -10.92 -7.10 -5.03
CA THR A 145 -12.17 -6.36 -5.21
C THR A 145 -13.00 -6.39 -3.93
N GLN A 146 -13.15 -7.56 -3.33
CA GLN A 146 -13.90 -7.66 -2.07
C GLN A 146 -13.23 -6.90 -0.93
N LEU A 147 -11.90 -6.96 -0.85
CA LEU A 147 -11.20 -6.23 0.21
C LEU A 147 -11.39 -4.73 0.02
N SER A 148 -11.33 -4.27 -1.23
CA SER A 148 -11.56 -2.87 -1.53
C SER A 148 -12.96 -2.46 -1.01
N LYS A 149 -13.97 -3.27 -1.35
CA LYS A 149 -15.36 -3.05 -0.93
C LYS A 149 -15.49 -3.04 0.60
N ASP A 150 -14.83 -3.99 1.25
CA ASP A 150 -14.91 -4.11 2.70
C ASP A 150 -14.24 -2.94 3.39
N LEU A 151 -13.05 -2.54 2.91
CA LEU A 151 -12.37 -1.36 3.44
C LEU A 151 -13.23 -0.10 3.25
N LYS A 152 -13.87 0.01 2.10
CA LYS A 152 -14.72 1.16 1.84
C LYS A 152 -15.79 1.32 2.95
N GLN A 153 -16.29 0.19 3.49
CA GLN A 153 -17.31 0.25 4.53
C GLN A 153 -16.81 0.89 5.83
N TYR A 154 -15.51 0.84 6.07
CA TYR A 154 -14.93 1.45 7.28
C TYR A 154 -14.48 2.87 7.04
N GLY A 155 -14.70 3.34 5.81
CA GLY A 155 -14.45 4.74 5.47
C GLY A 155 -13.16 4.99 4.71
N PHE A 156 -12.50 3.92 4.24
CA PHE A 156 -11.30 4.08 3.42
C PHE A 156 -11.68 4.69 2.05
N LYS A 157 -10.79 5.52 1.52
CA LYS A 157 -10.99 6.18 0.24
C LYS A 157 -9.76 6.03 -0.65
N PHE A 158 -9.97 6.19 -1.96
CA PHE A 158 -8.90 6.12 -2.94
C PHE A 158 -8.21 4.74 -2.96
N LEU A 159 -8.95 3.70 -2.61
CA LEU A 159 -8.39 2.35 -2.58
C LEU A 159 -9.33 1.42 -3.29
N GLY A 160 -9.44 1.59 -4.60
CA GLY A 160 -10.27 0.70 -5.41
C GLY A 160 -9.61 -0.65 -5.65
N PRO A 161 -10.30 -1.53 -6.38
CA PRO A 161 -9.84 -2.90 -6.59
C PRO A 161 -8.42 -3.02 -7.15
N VAL A 162 -8.10 -2.27 -8.18
CA VAL A 162 -6.77 -2.42 -8.80
C VAL A 162 -5.67 -1.92 -7.84
N THR A 163 -5.95 -0.80 -7.20
CA THR A 163 -5.05 -0.26 -6.21
C THR A 163 -4.84 -1.24 -5.06
N VAL A 164 -5.92 -1.82 -4.54
CA VAL A 164 -5.80 -2.80 -3.46
C VAL A 164 -5.01 -4.04 -3.93
N PHE A 165 -5.22 -4.49 -5.17
CA PHE A 165 -4.46 -5.61 -5.70
C PHE A 165 -2.96 -5.28 -5.67
N SER A 166 -2.62 -4.08 -6.13
CA SER A 166 -1.24 -3.60 -6.08
CA SER A 166 -1.25 -3.58 -6.08
C SER A 166 -0.70 -3.60 -4.66
N PHE A 167 -1.53 -3.15 -3.70
CA PHE A 167 -1.12 -3.17 -2.30
C PHE A 167 -0.83 -4.60 -1.82
N LEU A 168 -1.68 -5.55 -2.16
CA LEU A 168 -1.48 -6.93 -1.70
C LEU A 168 -0.15 -7.50 -2.19
N GLU A 169 0.18 -7.23 -3.45
CA GLU A 169 1.50 -7.59 -3.99
C GLU A 169 2.63 -6.86 -3.26
N ALA A 170 2.44 -5.57 -2.98
CA ALA A 170 3.49 -4.78 -2.33
C ALA A 170 3.79 -5.26 -0.93
N ALA A 171 2.73 -5.61 -0.19
CA ALA A 171 2.83 -6.01 1.24
C ALA A 171 3.18 -7.48 1.43
N GLY A 172 3.29 -8.21 0.31
CA GLY A 172 3.65 -9.63 0.37
C GLY A 172 2.52 -10.56 0.76
N LEU A 173 1.29 -10.03 0.92
CA LEU A 173 0.10 -10.87 1.05
C LEU A 173 -0.05 -11.73 -0.20
N TYR A 174 0.28 -11.15 -1.35
CA TYR A 174 0.50 -11.87 -2.61
C TYR A 174 1.98 -11.74 -2.95
N ASP A 175 2.59 -12.84 -3.40
CA ASP A 175 3.96 -12.85 -3.87
C ASP A 175 3.87 -12.98 -5.38
N ALA A 176 4.11 -11.83 -6.04
CA ALA A 176 4.12 -11.68 -7.49
C ALA A 176 5.53 -11.70 -8.07
N HIS A 177 6.54 -12.05 -7.28
CA HIS A 177 7.89 -12.20 -7.82
C HIS A 177 7.99 -13.40 -8.73
N LEU A 178 8.83 -13.27 -9.77
CA LEU A 178 9.05 -14.39 -10.67
C LEU A 178 9.89 -15.47 -9.99
N LYS A 179 9.71 -16.70 -10.45
CA LYS A 179 10.33 -17.88 -9.86
C LYS A 179 11.83 -17.74 -9.64
N ASP A 180 12.55 -17.21 -10.63
CA ASP A 180 13.99 -17.05 -10.52
C ASP A 180 14.48 -15.66 -10.07
N CYS A 181 13.57 -14.77 -9.67
CA CYS A 181 13.99 -13.49 -9.10
C CYS A 181 14.76 -13.74 -7.80
N PRO A 182 15.93 -13.09 -7.63
CA PRO A 182 16.70 -13.21 -6.38
C PRO A 182 16.01 -12.65 -5.14
N SER A 183 14.91 -11.90 -5.34
CA SER A 183 14.16 -11.32 -4.24
C SER A 183 12.88 -12.08 -3.98
N LYS A 184 12.66 -13.21 -4.64
CA LYS A 184 11.46 -13.99 -4.34
C LYS A 184 11.57 -14.57 -2.93
N PRO A 185 10.59 -14.22 -2.06
CA PRO A 185 10.67 -14.72 -0.68
C PRO A 185 10.45 -16.23 -0.59
N LYS A 186 11.00 -16.83 0.45
CA LYS A 186 10.78 -18.24 0.76
C LYS A 186 9.49 -18.33 1.54
N HIS A 187 8.63 -19.29 1.18
CA HIS A 187 7.38 -19.57 1.88
C HIS A 187 7.37 -20.97 2.45
N ASN A 188 6.91 -21.12 3.68
CA ASN A 188 6.82 -22.45 4.34
C ASN A 188 5.36 -22.74 4.63
ZN ZN B . 11.32 -9.91 -8.11
S SO4 C . -9.09 1.12 -9.01
O1 SO4 C . -8.17 1.13 -7.84
O2 SO4 C . -10.25 2.00 -8.65
O3 SO4 C . -9.68 -0.17 -9.40
O4 SO4 C . -8.35 1.72 -10.14
S SO4 D . 4.59 2.93 -12.12
O1 SO4 D . 5.75 3.23 -11.23
O2 SO4 D . 3.87 1.72 -11.64
O3 SO4 D . 5.04 2.72 -13.52
O4 SO4 D . 3.68 4.09 -12.11
#